data_3RN4
#
_entry.id   3RN4
#
_cell.length_a   92.690
_cell.length_b   92.690
_cell.length_c   92.690
_cell.angle_alpha   90.00
_cell.angle_beta   90.00
_cell.angle_gamma   90.00
#
_symmetry.space_group_name_H-M   'P 2 3'
#
loop_
_entity.id
_entity.type
_entity.pdbx_description
1 polymer 'Superoxide dismutase [Mn], mitochondrial'
2 non-polymer 'FE (III) ION'
3 water water
#
_entity_poly.entity_id   1
_entity_poly.type   'polypeptide(L)'
_entity_poly.pdbx_seq_one_letter_code
;LSTTARRTKVTLPDLKWDFGALEPYISGQINELHYTKHHQTYVNGFNTAVDQFQELSDLLAKEPSPANARKMIAIQQNIK
FHGGGFTNHCLFWENLAPESQGGGEPPTGALAKAIDEQFGSLDELIKLTNTKLAGVQGSGWAFIVKNLSNGGKLDVVQTY
NQDTVTGPLVPLVAIDAWEHAYYLQYQNKKADYFKAIWNVVNWKEASRRFDAGKI
;
_entity_poly.pdbx_strand_id   A
#
loop_
_chem_comp.id
_chem_comp.type
_chem_comp.name
_chem_comp.formula
FE non-polymer 'FE (III) ION' 'Fe 3'
#
# COMPACT_ATOMS: atom_id res chain seq x y z
N LYS A 9 -6.40 19.72 -3.13
CA LYS A 9 -6.57 18.60 -4.11
C LYS A 9 -6.73 17.29 -3.34
N VAL A 10 -5.76 16.38 -3.41
CA VAL A 10 -5.95 15.12 -2.70
C VAL A 10 -6.08 15.37 -1.19
N THR A 11 -6.83 14.52 -0.52
CA THR A 11 -7.02 14.61 0.92
C THR A 11 -6.87 13.23 1.55
N LEU A 12 -6.74 13.19 2.86
CA LEU A 12 -6.80 11.92 3.58
C LEU A 12 -8.17 11.32 3.38
N PRO A 13 -8.25 9.99 3.21
CA PRO A 13 -9.52 9.27 3.21
C PRO A 13 -10.07 9.11 4.64
N ASP A 14 -11.37 8.85 4.78
CA ASP A 14 -11.96 8.49 6.08
C ASP A 14 -11.74 7.04 6.45
N LEU A 15 -11.56 6.76 7.74
CA LEU A 15 -11.37 5.39 8.19
C LEU A 15 -12.70 4.68 8.53
N LYS A 16 -12.74 3.38 8.27
CA LYS A 16 -13.91 2.55 8.59
C LYS A 16 -13.85 1.94 10.01
N TRP A 17 -12.91 2.43 10.82
CA TRP A 17 -12.73 1.94 12.16
C TRP A 17 -11.98 3.02 12.95
N ASP A 18 -12.17 3.10 14.26
CA ASP A 18 -11.44 4.12 15.01
C ASP A 18 -10.02 3.57 15.16
N PHE A 19 -9.08 4.44 15.52
CA PHE A 19 -7.66 4.05 15.54
C PHE A 19 -7.33 2.76 16.30
N GLY A 20 -8.08 2.42 17.34
CA GLY A 20 -7.74 1.30 18.20
C GLY A 20 -8.47 0.00 17.85
N ALA A 21 -9.18 0.04 16.72
CA ALA A 21 -10.09 -1.02 16.28
C ALA A 21 -9.34 -2.27 15.82
N LEU A 22 -8.05 -2.12 15.52
CA LEU A 22 -7.24 -3.27 15.11
C LEU A 22 -6.41 -3.90 16.22
N GLU A 23 -6.59 -3.44 17.45
CA GLU A 23 -5.89 -4.06 18.59
C GLU A 23 -6.39 -5.50 18.84
N PRO A 24 -5.52 -6.39 19.32
CA PRO A 24 -4.15 -6.18 19.77
C PRO A 24 -3.12 -6.33 18.65
N TYR A 25 -3.56 -6.31 17.40
CA TYR A 25 -2.65 -6.63 16.28
C TYR A 25 -1.85 -5.42 15.82
N ILE A 26 -2.50 -4.27 15.73
CA ILE A 26 -1.85 -2.99 15.49
C ILE A 26 -2.41 -2.00 16.48
N SER A 27 -1.52 -1.30 17.19
CA SER A 27 -1.97 -0.42 18.25
C SER A 27 -2.66 0.84 17.73
N GLY A 28 -3.56 1.40 18.54
CA GLY A 28 -4.14 2.67 18.25
C GLY A 28 -3.10 3.77 18.15
N GLN A 29 -2.04 3.66 18.95
CA GLN A 29 -0.98 4.66 18.90
C GLN A 29 -0.33 4.70 17.52
N ILE A 30 -0.04 3.53 16.97
CA ILE A 30 0.53 3.44 15.63
C ILE A 30 -0.46 4.01 14.59
N ASN A 31 -1.71 3.57 14.63
CA ASN A 31 -2.65 4.02 13.60
C ASN A 31 -2.82 5.53 13.62
N GLU A 32 -2.84 6.10 14.81
CA GLU A 32 -3.00 7.55 14.92
C GLU A 32 -1.87 8.31 14.22
N LEU A 33 -0.63 7.92 14.51
CA LEU A 33 0.52 8.55 13.86
C LEU A 33 0.58 8.24 12.37
N HIS A 34 0.33 7.00 12.03
CA HIS A 34 0.44 6.53 10.64
C HIS A 34 -0.51 7.32 9.74
N TYR A 35 -1.73 7.57 10.23
CA TYR A 35 -2.77 8.30 9.46
C TYR A 35 -2.61 9.82 9.54
N THR A 36 -2.59 10.35 10.76
CA THR A 36 -2.57 11.81 10.95
C THR A 36 -1.26 12.50 10.58
N LYS A 37 -0.15 11.76 10.70
CA LYS A 37 1.15 12.34 10.45
C LYS A 37 1.73 11.81 9.15
N HIS A 38 1.98 10.50 9.07
CA HIS A 38 2.64 9.94 7.89
C HIS A 38 1.80 10.11 6.64
N HIS A 39 0.56 9.64 6.67
CA HIS A 39 -0.25 9.73 5.45
C HIS A 39 -0.47 11.18 5.05
N GLN A 40 -0.71 12.03 6.04
CA GLN A 40 -0.92 13.45 5.77
C GLN A 40 0.28 14.10 5.11
N THR A 41 1.47 13.73 5.54
CA THR A 41 2.67 14.26 4.89
C THR A 41 2.76 13.89 3.43
N TYR A 42 2.33 12.67 3.08
CA TYR A 42 2.36 12.26 1.68
C TYR A 42 1.28 13.02 0.89
N VAL A 43 0.11 13.19 1.50
CA VAL A 43 -0.94 14.04 0.91
C VAL A 43 -0.37 15.42 0.59
N ASN A 44 0.22 16.08 1.58
CA ASN A 44 0.80 17.40 1.38
C ASN A 44 1.89 17.41 0.31
N GLY A 45 2.76 16.40 0.34
CA GLY A 45 3.87 16.39 -0.60
C GLY A 45 3.41 16.16 -2.03
N PHE A 46 2.39 15.34 -2.20
CA PHE A 46 1.83 15.07 -3.52
C PHE A 46 1.12 16.32 -4.06
N ASN A 47 0.29 16.94 -3.25
CA ASN A 47 -0.32 18.21 -3.65
C ASN A 47 0.73 19.23 -4.08
N THR A 48 1.74 19.42 -3.25
CA THR A 48 2.82 20.35 -3.57
C THR A 48 3.57 19.99 -4.84
N ALA A 49 3.88 18.70 -5.01
CA ALA A 49 4.62 18.27 -6.19
C ALA A 49 3.86 18.52 -7.49
N VAL A 50 2.58 18.17 -7.52
CA VAL A 50 1.78 18.37 -8.73
C VAL A 50 1.64 19.86 -9.05
N ASP A 51 1.48 20.69 -8.02
CA ASP A 51 1.46 22.15 -8.22
C ASP A 51 2.73 22.65 -8.89
N GLN A 52 3.88 22.26 -8.34
CA GLN A 52 5.16 22.69 -8.88
C GLN A 52 5.29 22.25 -10.32
N PHE A 53 4.80 21.06 -10.62
CA PHE A 53 4.91 20.57 -11.99
C PHE A 53 3.98 21.31 -12.95
N GLN A 54 2.84 21.76 -12.45
CA GLN A 54 1.97 22.56 -13.30
C GLN A 54 2.70 23.85 -13.66
N GLU A 55 3.30 24.47 -12.65
CA GLU A 55 4.08 25.69 -12.86
C GLU A 55 5.21 25.48 -13.87
N LEU A 56 5.97 24.41 -13.69
CA LEU A 56 7.10 24.16 -14.60
C LEU A 56 6.61 23.87 -16.01
N SER A 57 5.45 23.22 -16.11
CA SER A 57 4.85 22.94 -17.40
C SER A 57 4.60 24.25 -18.16
N ASP A 58 4.06 25.24 -17.46
CA ASP A 58 3.78 26.53 -18.07
C ASP A 58 5.07 27.24 -18.46
N LEU A 59 6.08 27.11 -17.61
CA LEU A 59 7.36 27.71 -17.91
C LEU A 59 7.95 27.09 -19.18
N LEU A 60 7.85 25.77 -19.31
CA LEU A 60 8.35 25.07 -20.49
C LEU A 60 7.57 25.40 -21.76
N ALA A 61 6.26 25.60 -21.60
CA ALA A 61 5.41 26.00 -22.72
C ALA A 61 5.91 27.29 -23.37
N LYS A 62 6.48 28.21 -22.59
CA LYS A 62 6.96 29.47 -23.15
C LYS A 62 8.45 29.40 -23.42
N GLU A 63 9.14 28.51 -22.73
CA GLU A 63 10.58 28.41 -22.89
C GLU A 63 11.05 26.98 -22.72
N PRO A 64 10.97 26.19 -23.79
CA PRO A 64 11.29 24.75 -23.78
C PRO A 64 12.78 24.44 -23.78
N SER A 65 13.50 24.92 -22.77
CA SER A 65 14.97 24.76 -22.71
C SER A 65 15.41 23.55 -21.92
N PRO A 66 16.63 23.07 -22.17
CA PRO A 66 17.22 22.01 -21.35
C PRO A 66 17.24 22.44 -19.89
N ALA A 67 17.42 23.74 -19.65
CA ALA A 67 17.45 24.22 -18.28
C ALA A 67 16.08 24.02 -17.64
N ASN A 68 15.02 24.39 -18.34
CA ASN A 68 13.67 24.21 -17.79
C ASN A 68 13.30 22.73 -17.66
N ALA A 69 13.83 21.91 -18.55
CA ALA A 69 13.58 20.46 -18.50
C ALA A 69 14.20 19.83 -17.25
N ARG A 70 15.40 20.29 -16.90
CA ARG A 70 16.14 19.81 -15.73
C ARG A 70 15.34 19.98 -14.44
N LYS A 71 14.68 21.12 -14.29
CA LYS A 71 13.85 21.38 -13.13
C LYS A 71 12.65 20.44 -13.05
N MET A 72 12.09 20.06 -14.20
CA MET A 72 10.94 19.17 -14.23
C MET A 72 11.38 17.77 -13.82
N ILE A 73 12.53 17.37 -14.34
CA ILE A 73 13.13 16.09 -13.97
C ILE A 73 13.29 16.02 -12.46
N ALA A 74 13.82 17.10 -11.89
CA ALA A 74 14.02 17.18 -10.46
C ALA A 74 12.75 16.92 -9.64
N ILE A 75 11.59 17.38 -10.11
CA ILE A 75 10.34 17.28 -9.35
C ILE A 75 9.62 15.94 -9.50
N GLN A 76 9.91 15.23 -10.59
CA GLN A 76 9.20 13.99 -10.82
C GLN A 76 9.47 12.97 -9.68
N GLN A 77 10.64 13.03 -9.03
CA GLN A 77 10.89 12.10 -7.90
C GLN A 77 9.92 12.31 -6.74
N ASN A 78 9.60 13.57 -6.46
CA ASN A 78 8.62 13.88 -5.41
C ASN A 78 7.19 13.51 -5.80
N ILE A 79 6.86 13.66 -7.07
CA ILE A 79 5.59 13.13 -7.56
C ILE A 79 5.49 11.62 -7.34
N LYS A 80 6.54 10.88 -7.75
CA LYS A 80 6.56 9.43 -7.54
C LYS A 80 6.46 9.05 -6.05
N PHE A 81 7.31 9.66 -5.22
CA PHE A 81 7.38 9.28 -3.82
C PHE A 81 6.11 9.64 -3.05
N HIS A 82 5.71 10.89 -3.13
CA HIS A 82 4.53 11.31 -2.39
C HIS A 82 3.26 10.73 -2.99
N GLY A 83 3.22 10.62 -4.31
CA GLY A 83 2.05 10.01 -4.97
C GLY A 83 1.89 8.58 -4.51
N GLY A 84 3.02 7.86 -4.50
CA GLY A 84 3.08 6.51 -3.97
C GLY A 84 2.68 6.44 -2.52
N GLY A 85 3.16 7.36 -1.68
CA GLY A 85 2.78 7.30 -0.27
C GLY A 85 1.30 7.52 -0.10
N PHE A 86 0.76 8.43 -0.90
CA PHE A 86 -0.66 8.71 -0.83
C PHE A 86 -1.45 7.46 -1.21
N THR A 87 -1.13 6.90 -2.36
CA THR A 87 -1.95 5.81 -2.88
C THR A 87 -1.75 4.53 -2.06
N ASN A 88 -0.51 4.24 -1.64
CA ASN A 88 -0.27 3.01 -0.90
C ASN A 88 -1.01 2.99 0.42
N HIS A 89 -1.02 4.11 1.14
CA HIS A 89 -1.70 4.08 2.44
C HIS A 89 -3.23 4.04 2.24
N CYS A 90 -3.70 4.64 1.16
CA CYS A 90 -5.16 4.50 0.86
C CYS A 90 -5.52 3.04 0.64
N LEU A 91 -4.69 2.34 -0.13
CA LEU A 91 -4.91 0.89 -0.31
C LEU A 91 -4.88 0.18 1.02
N PHE A 92 -3.86 0.50 1.83
CA PHE A 92 -3.64 -0.12 3.11
C PHE A 92 -4.87 -0.05 4.02
N TRP A 93 -5.41 1.15 4.28
CA TRP A 93 -6.50 1.21 5.26
C TRP A 93 -7.70 0.44 4.75
N GLU A 94 -7.92 0.53 3.46
CA GLU A 94 -9.07 -0.12 2.80
C GLU A 94 -9.00 -1.64 2.77
N ASN A 95 -7.78 -2.20 2.83
CA ASN A 95 -7.63 -3.63 3.11
C ASN A 95 -7.34 -4.05 4.55
N LEU A 96 -7.73 -3.20 5.51
CA LEU A 96 -7.70 -3.56 6.92
C LEU A 96 -9.09 -3.36 7.49
N ALA A 97 -9.46 -4.21 8.44
CA ALA A 97 -10.77 -4.12 9.11
C ALA A 97 -10.73 -4.80 10.46
N PRO A 98 -11.49 -4.28 11.44
CA PRO A 98 -11.58 -5.04 12.67
C PRO A 98 -12.31 -6.34 12.43
N GLU A 99 -12.00 -7.33 13.26
CA GLU A 99 -12.65 -8.65 13.26
C GLU A 99 -14.17 -8.55 13.27
N SER A 100 -14.69 -7.55 13.99
CA SER A 100 -16.13 -7.32 14.05
C SER A 100 -16.71 -6.90 12.70
N GLN A 101 -15.83 -6.48 11.78
CA GLN A 101 -16.26 -6.10 10.45
C GLN A 101 -15.71 -7.08 9.41
N GLY A 102 -15.28 -8.26 9.87
CA GLY A 102 -14.90 -9.33 8.94
C GLY A 102 -13.41 -9.38 8.69
N GLY A 103 -12.68 -8.47 9.32
CA GLY A 103 -11.21 -8.57 9.28
C GLY A 103 -10.77 -9.97 9.64
N GLY A 104 -9.85 -10.53 8.85
CA GLY A 104 -9.35 -11.85 9.16
C GLY A 104 -10.16 -12.98 8.54
N GLU A 105 -11.35 -12.67 8.04
CA GLU A 105 -12.16 -13.72 7.40
C GLU A 105 -11.58 -14.01 6.01
N PRO A 106 -11.55 -15.28 5.61
CA PRO A 106 -10.93 -15.61 4.32
C PRO A 106 -11.65 -15.03 3.11
N PRO A 107 -10.92 -14.89 2.00
CA PRO A 107 -11.50 -14.32 0.80
C PRO A 107 -12.58 -15.25 0.22
N THR A 108 -13.36 -14.72 -0.69
CA THR A 108 -14.46 -15.45 -1.29
C THR A 108 -14.33 -15.41 -2.80
N GLY A 109 -15.23 -16.14 -3.46
CA GLY A 109 -15.39 -16.01 -4.90
C GLY A 109 -14.17 -16.42 -5.71
N ALA A 110 -13.92 -15.69 -6.78
CA ALA A 110 -12.95 -16.09 -7.80
C ALA A 110 -11.54 -15.95 -7.21
N LEU A 111 -11.36 -14.96 -6.33
CA LEU A 111 -10.07 -14.82 -5.65
C LEU A 111 -9.77 -16.05 -4.79
N ALA A 112 -10.74 -16.50 -4.00
CA ALA A 112 -10.51 -17.69 -3.20
C ALA A 112 -10.14 -18.91 -4.07
N LYS A 113 -10.80 -19.04 -5.22
CA LYS A 113 -10.50 -20.16 -6.10
C LYS A 113 -9.07 -20.07 -6.65
N ALA A 114 -8.70 -18.88 -7.10
CA ALA A 114 -7.35 -18.67 -7.64
C ALA A 114 -6.29 -18.93 -6.58
N ILE A 115 -6.54 -18.52 -5.34
CA ILE A 115 -5.55 -18.76 -4.27
C ILE A 115 -5.34 -20.23 -4.05
N ASP A 116 -6.43 -21.00 -3.99
CA ASP A 116 -6.28 -22.42 -3.73
C ASP A 116 -5.57 -23.13 -4.88
N GLU A 117 -5.93 -22.77 -6.12
CA GLU A 117 -5.35 -23.38 -7.32
C GLU A 117 -3.86 -23.06 -7.46
N GLN A 118 -3.47 -21.82 -7.14
CA GLN A 118 -2.07 -21.38 -7.32
C GLN A 118 -1.18 -21.67 -6.16
N PHE A 119 -1.67 -21.45 -4.94
CA PHE A 119 -0.86 -21.64 -3.73
C PHE A 119 -1.23 -22.85 -2.87
N GLY A 120 -2.33 -23.51 -3.18
CA GLY A 120 -2.76 -24.65 -2.36
C GLY A 120 -3.69 -24.27 -1.22
N SER A 121 -3.41 -23.15 -0.56
CA SER A 121 -4.26 -22.69 0.57
C SER A 121 -3.95 -21.24 0.85
N LEU A 122 -4.84 -20.60 1.59
CA LEU A 122 -4.57 -19.22 2.03
C LEU A 122 -3.30 -19.16 2.88
N ASP A 123 -3.13 -20.12 3.78
CA ASP A 123 -1.96 -20.11 4.64
C ASP A 123 -0.67 -20.10 3.85
N GLU A 124 -0.65 -20.82 2.73
CA GLU A 124 0.55 -20.85 1.90
C GLU A 124 0.81 -19.48 1.26
N LEU A 125 -0.26 -18.81 0.85
CA LEU A 125 -0.13 -17.47 0.26
C LEU A 125 0.36 -16.50 1.32
N ILE A 126 -0.17 -16.63 2.54
CA ILE A 126 0.26 -15.76 3.64
C ILE A 126 1.74 -15.99 3.99
N LYS A 127 2.14 -17.25 4.05
CA LYS A 127 3.58 -17.57 4.26
C LYS A 127 4.48 -16.91 3.22
N LEU A 128 4.12 -17.04 1.95
CA LEU A 128 4.91 -16.44 0.89
C LEU A 128 5.01 -14.94 1.09
N THR A 129 3.88 -14.33 1.43
CA THR A 129 3.85 -12.87 1.58
C THR A 129 4.71 -12.44 2.77
N ASN A 130 4.64 -13.20 3.85
CA ASN A 130 5.50 -12.90 5.01
C ASN A 130 6.99 -13.06 4.68
N THR A 131 7.31 -13.99 3.80
CA THR A 131 8.71 -14.11 3.38
C THR A 131 9.12 -12.86 2.59
N LYS A 132 8.22 -12.38 1.71
CA LYS A 132 8.49 -11.19 0.92
C LYS A 132 8.64 -9.96 1.81
N LEU A 133 7.78 -9.86 2.83
CA LEU A 133 7.84 -8.72 3.76
C LEU A 133 9.15 -8.72 4.54
N ALA A 134 9.55 -9.88 5.03
CA ALA A 134 10.80 -9.95 5.80
C ALA A 134 12.01 -9.69 4.90
N GLY A 135 11.84 -9.92 3.60
CA GLY A 135 12.91 -9.75 2.64
C GLY A 135 13.08 -8.32 2.15
N VAL A 136 12.21 -7.39 2.60
CA VAL A 136 12.37 -5.98 2.20
C VAL A 136 13.51 -5.41 3.02
N GLN A 137 14.63 -5.15 2.34
CA GLN A 137 15.86 -4.75 3.00
C GLN A 137 16.00 -3.23 3.05
N GLY A 138 15.17 -2.62 3.90
CA GLY A 138 14.94 -1.19 3.85
C GLY A 138 13.46 -0.94 4.15
N SER A 139 12.96 0.22 3.76
CA SER A 139 11.54 0.52 3.82
C SER A 139 10.85 -0.02 2.58
N GLY A 140 9.61 -0.44 2.72
CA GLY A 140 8.86 -0.80 1.51
C GLY A 140 7.57 -1.50 1.84
N TRP A 141 7.08 -2.26 0.85
CA TRP A 141 5.73 -2.84 0.86
C TRP A 141 5.78 -4.25 0.28
N ALA A 142 4.83 -5.11 0.67
CA ALA A 142 4.54 -6.26 -0.18
C ALA A 142 3.10 -6.13 -0.67
N PHE A 143 2.87 -6.52 -1.91
CA PHE A 143 1.53 -6.50 -2.48
C PHE A 143 1.18 -7.85 -3.02
N ILE A 144 0.01 -8.35 -2.65
CA ILE A 144 -0.57 -9.47 -3.35
C ILE A 144 -1.29 -8.86 -4.57
N VAL A 145 -0.95 -9.32 -5.76
CA VAL A 145 -1.46 -8.72 -6.98
C VAL A 145 -2.16 -9.72 -7.90
N LYS A 146 -2.98 -9.16 -8.79
CA LYS A 146 -3.53 -9.90 -9.93
C LYS A 146 -2.87 -9.33 -11.19
N ASN A 147 -2.16 -10.18 -11.92
CA ASN A 147 -1.49 -9.75 -13.13
C ASN A 147 -2.37 -9.90 -14.37
N LEU A 148 -2.81 -8.78 -14.91
CA LEU A 148 -3.76 -8.78 -16.03
C LEU A 148 -3.15 -9.18 -17.36
N SER A 149 -1.83 -9.25 -17.43
CA SER A 149 -1.17 -9.54 -18.69
C SER A 149 -0.81 -11.01 -18.89
N ASN A 150 -0.91 -11.82 -17.84
CA ASN A 150 -0.57 -13.25 -17.98
C ASN A 150 -1.75 -14.15 -17.68
N GLY A 151 -2.96 -13.64 -17.88
CA GLY A 151 -4.19 -14.40 -17.67
C GLY A 151 -4.84 -14.17 -16.32
N GLY A 152 -4.46 -13.07 -15.65
CA GLY A 152 -5.03 -12.75 -14.36
C GLY A 152 -4.50 -13.57 -13.19
N LYS A 153 -3.23 -13.98 -13.25
CA LYS A 153 -2.67 -14.83 -12.23
C LYS A 153 -2.20 -14.04 -11.02
N LEU A 154 -2.35 -14.65 -9.86
CA LEU A 154 -1.94 -14.03 -8.59
C LEU A 154 -0.42 -14.06 -8.48
N ASP A 155 0.16 -13.06 -7.84
CA ASP A 155 1.56 -13.16 -7.42
C ASP A 155 1.74 -12.30 -6.21
N VAL A 156 2.94 -12.30 -5.63
CA VAL A 156 3.25 -11.38 -4.54
C VAL A 156 4.51 -10.63 -4.91
N VAL A 157 4.47 -9.32 -4.82
CA VAL A 157 5.63 -8.54 -5.22
C VAL A 157 6.07 -7.62 -4.09
N GLN A 158 7.35 -7.26 -4.09
CA GLN A 158 7.87 -6.33 -3.09
C GLN A 158 8.07 -5.01 -3.79
N THR A 159 7.89 -3.89 -3.09
CA THR A 159 8.39 -2.62 -3.60
C THR A 159 9.18 -1.95 -2.48
N TYR A 160 10.06 -1.02 -2.86
CA TYR A 160 10.84 -0.28 -1.86
C TYR A 160 10.31 1.14 -1.77
N ASN A 161 10.50 1.72 -0.58
CA ASN A 161 10.15 3.11 -0.30
C ASN A 161 8.65 3.30 -0.51
N GLN A 162 8.23 4.27 -1.32
CA GLN A 162 6.79 4.35 -1.67
C GLN A 162 6.55 4.00 -3.12
N ASP A 163 7.43 3.19 -3.69
CA ASP A 163 7.17 2.69 -5.02
C ASP A 163 5.89 1.87 -4.95
N THR A 164 5.18 1.76 -6.08
CA THR A 164 3.91 1.05 -6.05
C THR A 164 3.76 0.13 -7.26
N VAL A 165 2.68 -0.67 -7.27
CA VAL A 165 2.34 -1.45 -8.45
C VAL A 165 1.39 -0.66 -9.37
N THR A 166 1.72 -0.60 -10.65
CA THR A 166 0.90 0.15 -11.59
C THR A 166 0.56 -0.70 -12.82
N GLY A 167 -0.21 -0.12 -13.75
CA GLY A 167 -0.49 -0.77 -15.03
C GLY A 167 -1.17 -2.12 -14.82
N PRO A 168 -0.60 -3.19 -15.39
CA PRO A 168 -1.23 -4.52 -15.41
C PRO A 168 -1.19 -5.25 -14.07
N LEU A 169 -0.39 -4.80 -13.13
CA LEU A 169 -0.44 -5.41 -11.82
C LEU A 169 -1.51 -4.70 -10.98
N VAL A 170 -2.58 -5.41 -10.64
CA VAL A 170 -3.65 -4.85 -9.80
C VAL A 170 -3.41 -5.17 -8.33
N PRO A 171 -3.33 -4.14 -7.48
CA PRO A 171 -3.08 -4.51 -6.08
C PRO A 171 -4.33 -5.07 -5.38
N LEU A 172 -4.19 -6.21 -4.72
CA LEU A 172 -5.31 -6.83 -3.98
C LEU A 172 -5.15 -6.63 -2.50
N VAL A 173 -3.96 -6.90 -1.97
CA VAL A 173 -3.69 -6.62 -0.55
C VAL A 173 -2.37 -5.90 -0.49
N ALA A 174 -2.34 -4.74 0.17
CA ALA A 174 -1.07 -4.03 0.43
C ALA A 174 -0.68 -4.19 1.90
N ILE A 175 0.59 -4.50 2.17
CA ILE A 175 1.05 -4.60 3.55
C ILE A 175 2.28 -3.71 3.72
N ASP A 176 2.20 -2.77 4.66
CA ASP A 176 3.26 -1.77 4.87
C ASP A 176 4.38 -2.40 5.69
N ALA A 177 5.60 -2.33 5.16
CA ALA A 177 6.77 -2.85 5.86
C ALA A 177 7.71 -1.74 6.34
N TRP A 178 7.30 -0.48 6.20
CA TRP A 178 8.11 0.59 6.80
C TRP A 178 8.15 0.39 8.30
N GLU A 179 9.26 0.76 8.94
CA GLU A 179 9.31 0.59 10.38
C GLU A 179 8.21 1.34 11.15
N HIS A 180 7.80 2.53 10.67
CA HIS A 180 6.73 3.27 11.37
C HIS A 180 5.42 2.49 11.44
N ALA A 181 5.31 1.42 10.66
CA ALA A 181 4.07 0.64 10.63
C ALA A 181 3.97 -0.27 11.83
N TYR A 182 5.08 -0.48 12.55
CA TYR A 182 5.10 -1.47 13.62
C TYR A 182 5.99 -1.15 14.81
N TYR A 183 6.89 -0.19 14.67
CA TYR A 183 8.00 -0.11 15.62
C TYR A 183 7.56 0.19 17.07
N LEU A 184 6.57 1.05 17.23
CA LEU A 184 6.15 1.41 18.59
C LEU A 184 5.65 0.21 19.38
N GLN A 185 5.08 -0.77 18.67
CA GLN A 185 4.53 -1.96 19.32
C GLN A 185 5.47 -3.15 19.33
N TYR A 186 6.13 -3.42 18.21
CA TYR A 186 6.90 -4.63 18.02
C TYR A 186 8.39 -4.36 18.04
N GLN A 187 8.76 -3.10 17.98
CA GLN A 187 10.18 -2.70 17.82
C GLN A 187 10.83 -3.51 16.70
N ASN A 188 11.99 -4.13 16.96
CA ASN A 188 12.71 -4.86 15.91
C ASN A 188 12.02 -6.13 15.43
N LYS A 189 11.02 -6.59 16.18
CA LYS A 189 10.40 -7.90 15.89
C LYS A 189 9.38 -7.80 14.76
N LYS A 190 9.88 -7.43 13.60
CA LYS A 190 9.01 -7.22 12.44
C LYS A 190 8.26 -8.51 12.04
N ALA A 191 8.89 -9.66 12.24
CA ALA A 191 8.23 -10.91 11.87
C ALA A 191 6.96 -11.12 12.66
N ASP A 192 6.92 -10.65 13.92
CA ASP A 192 5.72 -10.76 14.75
C ASP A 192 4.58 -9.89 14.21
N TYR A 193 4.93 -8.71 13.70
CA TYR A 193 3.98 -7.84 13.06
C TYR A 193 3.44 -8.47 11.78
N PHE A 194 4.34 -9.01 10.96
CA PHE A 194 3.87 -9.61 9.70
C PHE A 194 2.93 -10.78 10.01
N LYS A 195 3.24 -11.53 11.06
CA LYS A 195 2.37 -12.64 11.45
C LYS A 195 1.01 -12.12 11.93
N ALA A 196 1.03 -11.10 12.79
CA ALA A 196 -0.21 -10.61 13.40
C ALA A 196 -1.19 -9.93 12.45
N ILE A 197 -0.68 -9.25 11.43
CA ILE A 197 -1.54 -8.36 10.66
C ILE A 197 -2.64 -9.11 9.91
N TRP A 198 -2.41 -10.39 9.60
CA TRP A 198 -3.41 -11.15 8.82
C TRP A 198 -4.72 -11.28 9.58
N ASN A 199 -4.67 -11.14 10.89
CA ASN A 199 -5.88 -11.22 11.70
C ASN A 199 -6.87 -10.09 11.42
N VAL A 200 -6.39 -9.01 10.81
CA VAL A 200 -7.23 -7.89 10.48
C VAL A 200 -7.16 -7.50 9.01
N VAL A 201 -6.73 -8.42 8.15
CA VAL A 201 -6.74 -8.10 6.73
C VAL A 201 -8.16 -8.23 6.18
N ASN A 202 -8.57 -7.29 5.34
CA ASN A 202 -9.92 -7.30 4.83
C ASN A 202 -9.95 -8.02 3.49
N TRP A 203 -10.13 -9.33 3.55
CA TRP A 203 -10.11 -10.14 2.33
C TRP A 203 -11.38 -9.97 1.49
N LYS A 204 -12.43 -9.43 2.08
CA LYS A 204 -13.59 -9.06 1.29
C LYS A 204 -13.23 -7.97 0.30
N GLU A 205 -12.45 -6.99 0.75
CA GLU A 205 -12.00 -5.95 -0.12
C GLU A 205 -11.03 -6.50 -1.18
N ALA A 206 -10.18 -7.44 -0.78
CA ALA A 206 -9.23 -8.00 -1.76
C ALA A 206 -10.02 -8.74 -2.86
N SER A 207 -11.08 -9.40 -2.44
CA SER A 207 -11.91 -10.16 -3.40
C SER A 207 -12.62 -9.23 -4.36
N ARG A 208 -13.13 -8.10 -3.86
CA ARG A 208 -13.70 -7.09 -4.70
C ARG A 208 -12.68 -6.48 -5.67
N ARG A 209 -11.47 -6.23 -5.20
CA ARG A 209 -10.42 -5.72 -6.07
C ARG A 209 -10.04 -6.71 -7.19
N PHE A 210 -10.05 -7.99 -6.84
CA PHE A 210 -9.72 -9.05 -7.80
C PHE A 210 -10.77 -9.06 -8.91
N ASP A 211 -12.03 -8.94 -8.54
CA ASP A 211 -13.15 -8.90 -9.51
C ASP A 211 -13.13 -7.64 -10.37
N ALA A 212 -12.91 -6.49 -9.75
CA ALA A 212 -12.97 -5.22 -10.45
C ALA A 212 -11.81 -5.06 -11.43
N GLY A 213 -10.71 -5.71 -11.12
CA GLY A 213 -9.50 -5.65 -11.93
C GLY A 213 -9.01 -4.24 -12.15
FE FE B . 3.36 3.63 6.12
#